data_5HHJ
#
_entry.id   5HHJ
#
_cell.length_a   42.080
_cell.length_b   88.060
_cell.length_c   79.760
_cell.angle_alpha   90.00
_cell.angle_beta   95.44
_cell.angle_gamma   90.00
#
_symmetry.space_group_name_H-M   'P 1 21 1'
#
loop_
_entity.id
_entity.type
_entity.pdbx_description
1 polymer 'Retron-type reverse transcriptase'
2 non-polymer 'PHOSPHATE ION'
3 non-polymer 'POTASSIUM ION'
4 non-polymer GLYCINE
5 non-polymer 'SUCCINIC ACID'
6 non-polymer (4S)-2-METHYL-2,4-PENTANEDIOL
7 water water
#
_entity_poly.entity_id   1
_entity_poly.type   'polypeptide(L)'
_entity_poly.pdbx_seq_one_letter_code
;MVKSSGTERKERMDTSSLMEQILSNDNLNRAYLQVVRNKGAEGVDGMKYTELKEYLAKNGEIIKEQLRIRKYKPQPVRRV
EIPKPDGGVRNLGVPTVTDRFIQQAIAQVLTPIYEEQFHDHSYGFRPNRCAQQAILTALDMMNDGNDWIVDIDLEKFFDT
VNHDKLMTIIGRTIKDGDVISIVRKYLVSGIMIDDEYEDSIVGTPQGGNLSPLLANIMLNELDKEMEKRGLNFVRYADDC
IIMVGSEMSANRVMRNISRFIEEKLGLKVNMTKSKVDRPRGIKYLGFGFYYDTSAQQFKAKPHAK
;
_entity_poly.pdbx_strand_id   A,B
#
loop_
_chem_comp.id
_chem_comp.type
_chem_comp.name
_chem_comp.formula
K non-polymer 'POTASSIUM ION' 'K 1'
MPD non-polymer (4S)-2-METHYL-2,4-PENTANEDIOL 'C6 H14 O2'
PO4 non-polymer 'PHOSPHATE ION' 'O4 P -3'
SIN non-polymer 'SUCCINIC ACID' 'C4 H6 O4'
#
# COMPACT_ATOMS: atom_id res chain seq x y z
N ARG A 12 14.26 10.60 23.80
CA ARG A 12 14.77 9.38 23.16
C ARG A 12 15.12 8.33 24.20
N MET A 13 14.84 7.05 23.90
CA MET A 13 15.13 5.97 24.83
C MET A 13 16.62 5.63 24.81
N ASP A 14 17.03 4.84 25.80
CA ASP A 14 18.43 4.41 25.99
C ASP A 14 18.48 2.92 25.68
N THR A 15 19.23 2.53 24.64
CA THR A 15 19.19 1.15 24.16
C THR A 15 19.87 0.16 25.11
N SER A 16 20.52 0.64 26.16
CA SER A 16 21.04 -0.25 27.19
CA SER A 16 21.03 -0.25 27.19
C SER A 16 20.06 -0.46 28.33
N SER A 17 18.92 0.26 28.33
CA SER A 17 17.97 0.25 29.44
CA SER A 17 17.96 0.28 29.43
C SER A 17 16.57 0.42 28.83
N LEU A 18 16.14 -0.61 28.15
CA LEU A 18 14.89 -0.66 27.45
C LEU A 18 13.87 -1.48 28.17
N MET A 19 14.29 -2.39 29.08
CA MET A 19 13.30 -3.21 29.74
C MET A 19 12.31 -2.38 30.51
N GLU A 20 12.79 -1.35 31.22
CA GLU A 20 11.85 -0.54 31.97
C GLU A 20 10.90 0.24 31.06
N GLN A 21 11.34 0.59 29.85
CA GLN A 21 10.43 1.19 28.90
C GLN A 21 9.38 0.17 28.44
N ILE A 22 9.80 -1.05 28.20
CA ILE A 22 8.87 -2.10 27.79
C ILE A 22 7.81 -2.32 28.86
N LEU A 23 8.23 -2.29 30.13
CA LEU A 23 7.34 -2.62 31.24
C LEU A 23 6.60 -1.42 31.82
N SER A 24 6.75 -0.23 31.23
CA SER A 24 6.07 0.94 31.75
C SER A 24 4.56 0.79 31.60
N ASN A 25 3.81 1.46 32.49
CA ASN A 25 2.36 1.44 32.41
C ASN A 25 1.85 1.90 31.06
N ASP A 26 2.42 2.98 30.53
CA ASP A 26 1.95 3.48 29.25
C ASP A 26 2.16 2.46 28.15
N ASN A 27 3.36 1.85 28.11
CA ASN A 27 3.64 0.89 27.05
C ASN A 27 2.77 -0.35 27.20
N LEU A 28 2.61 -0.85 28.43
CA LEU A 28 1.81 -2.05 28.63
C LEU A 28 0.34 -1.78 28.35
N ASN A 29 -0.20 -0.61 28.72
CA ASN A 29 -1.58 -0.36 28.38
C ASN A 29 -1.77 -0.36 26.87
N ARG A 30 -0.85 0.30 26.15
CA ARG A 30 -0.96 0.30 24.69
CA ARG A 30 -0.91 0.31 24.68
C ARG A 30 -0.85 -1.10 24.12
N ALA A 31 0.02 -1.94 24.67
CA ALA A 31 0.18 -3.29 24.16
C ALA A 31 -1.09 -4.10 24.38
N TYR A 32 -1.66 -3.98 25.60
CA TYR A 32 -2.94 -4.60 25.91
C TYR A 32 -4.00 -4.18 24.92
N LEU A 33 -4.13 -2.87 24.68
CA LEU A 33 -5.16 -2.39 23.77
C LEU A 33 -4.99 -2.99 22.39
N GLN A 34 -3.76 -3.04 21.90
CA GLN A 34 -3.53 -3.53 20.55
C GLN A 34 -3.83 -5.02 20.45
N VAL A 35 -3.42 -5.79 21.45
CA VAL A 35 -3.68 -7.23 21.43
C VAL A 35 -5.17 -7.51 21.48
N VAL A 36 -5.92 -6.74 22.26
CA VAL A 36 -7.37 -6.91 22.27
C VAL A 36 -7.97 -6.50 20.93
N ARG A 37 -7.47 -5.42 20.33
CA ARG A 37 -7.96 -5.02 19.01
C ARG A 37 -7.67 -6.08 17.96
N ASN A 38 -6.55 -6.79 18.08
CA ASN A 38 -6.16 -7.81 17.10
C ASN A 38 -6.97 -9.09 17.24
N LYS A 39 -7.61 -9.30 18.40
CA LYS A 39 -8.40 -10.49 18.68
C LYS A 39 -7.55 -11.72 18.45
N GLY A 40 -7.96 -12.64 17.58
CA GLY A 40 -7.17 -13.83 17.31
C GLY A 40 -7.64 -15.04 18.08
N ALA A 41 -7.14 -16.19 17.64
CA ALA A 41 -7.37 -17.47 18.29
C ALA A 41 -6.57 -17.58 19.60
N GLU A 42 -7.02 -18.48 20.46
CA GLU A 42 -6.33 -18.78 21.72
CA GLU A 42 -6.33 -18.77 21.71
C GLU A 42 -5.07 -19.59 21.48
N GLY A 43 -4.10 -19.42 22.35
CA GLY A 43 -2.95 -20.28 22.39
C GLY A 43 -3.20 -21.52 23.23
N VAL A 44 -2.10 -22.17 23.62
CA VAL A 44 -2.17 -23.48 24.26
C VAL A 44 -2.84 -23.47 25.62
N ASP A 45 -2.95 -22.32 26.26
CA ASP A 45 -3.60 -22.21 27.56
C ASP A 45 -5.10 -22.03 27.46
N GLY A 46 -5.64 -21.90 26.24
CA GLY A 46 -7.06 -21.72 26.06
C GLY A 46 -7.58 -20.36 26.44
N MET A 47 -6.70 -19.39 26.73
CA MET A 47 -7.16 -18.10 27.21
C MET A 47 -7.63 -17.22 26.05
N LYS A 48 -8.87 -16.75 26.12
CA LYS A 48 -9.42 -15.88 25.11
C LYS A 48 -8.92 -14.45 25.32
N TYR A 49 -8.95 -13.66 24.25
CA TYR A 49 -8.44 -12.30 24.35
C TYR A 49 -9.24 -11.47 25.35
N THR A 50 -10.52 -11.81 25.55
CA THR A 50 -11.37 -11.11 26.52
C THR A 50 -11.02 -11.43 27.96
N GLU A 51 -10.21 -12.45 28.23
CA GLU A 51 -9.81 -12.85 29.56
C GLU A 51 -8.46 -12.27 29.97
N LEU A 52 -7.77 -11.59 29.06
CA LEU A 52 -6.43 -11.10 29.37
C LEU A 52 -6.46 -10.06 30.49
N LYS A 53 -7.43 -9.14 30.45
CA LYS A 53 -7.41 -8.05 31.44
C LYS A 53 -7.51 -8.59 32.86
N GLU A 54 -8.43 -9.50 33.12
CA GLU A 54 -8.55 -10.04 34.47
C GLU A 54 -7.30 -10.83 34.86
N TYR A 55 -6.72 -11.56 33.91
CA TYR A 55 -5.48 -12.29 34.16
C TYR A 55 -4.35 -11.32 34.56
N LEU A 56 -4.23 -10.21 33.86
CA LEU A 56 -3.19 -9.24 34.18
C LEU A 56 -3.47 -8.51 35.49
N ALA A 57 -4.74 -8.29 35.83
CA ALA A 57 -5.03 -7.69 37.14
C ALA A 57 -4.43 -8.53 38.25
N LYS A 58 -4.47 -9.84 38.11
CA LYS A 58 -3.93 -10.75 39.10
C LYS A 58 -2.43 -10.96 38.94
N ASN A 59 -1.94 -11.08 37.72
CA ASN A 59 -0.62 -11.62 37.45
C ASN A 59 0.33 -10.66 36.79
N GLY A 60 -0.13 -9.46 36.40
CA GLY A 60 0.73 -8.54 35.68
C GLY A 60 2.00 -8.18 36.41
N GLU A 61 1.90 -7.86 37.71
CA GLU A 61 3.11 -7.52 38.46
C GLU A 61 4.03 -8.72 38.61
N ILE A 62 3.46 -9.92 38.71
CA ILE A 62 4.28 -11.13 38.76
C ILE A 62 5.06 -11.28 37.47
N ILE A 63 4.38 -11.10 36.34
CA ILE A 63 5.01 -11.25 35.05
C ILE A 63 6.10 -10.20 34.86
N LYS A 64 5.83 -8.95 35.24
CA LYS A 64 6.85 -7.93 35.15
C LYS A 64 8.08 -8.33 35.93
N GLU A 65 7.90 -8.79 37.18
CA GLU A 65 9.05 -9.14 37.99
CA GLU A 65 9.05 -9.14 38.01
C GLU A 65 9.80 -10.33 37.39
N GLN A 66 9.06 -11.33 36.87
CA GLN A 66 9.72 -12.44 36.22
C GLN A 66 10.57 -11.96 35.04
N LEU A 67 10.02 -11.09 34.23
CA LEU A 67 10.79 -10.59 33.08
C LEU A 67 12.05 -9.84 33.54
N ARG A 68 11.99 -9.13 34.65
CA ARG A 68 13.14 -8.38 35.13
C ARG A 68 14.29 -9.30 35.53
N ILE A 69 13.98 -10.52 35.97
CA ILE A 69 15.01 -11.46 36.42
C ILE A 69 15.18 -12.62 35.46
N ARG A 70 14.61 -12.52 34.26
CA ARG A 70 14.76 -13.55 33.23
C ARG A 70 14.18 -14.89 33.64
N LYS A 71 13.09 -14.87 34.41
CA LYS A 71 12.41 -16.07 34.85
C LYS A 71 11.03 -16.24 34.24
N TYR A 72 10.61 -15.35 33.35
CA TYR A 72 9.35 -15.53 32.64
C TYR A 72 9.52 -16.62 31.59
N LYS A 73 8.56 -17.53 31.51
CA LYS A 73 8.65 -18.67 30.60
C LYS A 73 7.59 -18.56 29.53
N PRO A 74 7.94 -18.16 28.32
CA PRO A 74 6.97 -18.22 27.23
C PRO A 74 6.41 -19.62 27.06
N GLN A 75 5.14 -19.69 26.69
CA GLN A 75 4.51 -20.96 26.36
CA GLN A 75 4.59 -20.98 26.38
C GLN A 75 4.78 -21.29 24.90
N PRO A 76 4.83 -22.54 24.50
CA PRO A 76 4.97 -22.86 23.08
C PRO A 76 3.78 -22.32 22.32
N VAL A 77 4.04 -21.94 21.07
CA VAL A 77 2.93 -21.59 20.20
C VAL A 77 2.04 -22.79 19.95
N ARG A 78 0.78 -22.52 19.70
CA ARG A 78 -0.20 -23.56 19.37
C ARG A 78 -0.27 -23.68 17.87
N ARG A 79 -0.17 -24.90 17.38
CA ARG A 79 -0.29 -25.12 15.94
C ARG A 79 -1.76 -25.18 15.57
N VAL A 80 -2.20 -24.26 14.73
CA VAL A 80 -3.60 -24.09 14.35
C VAL A 80 -3.66 -24.20 12.83
N GLU A 81 -4.54 -25.04 12.36
CA GLU A 81 -4.79 -25.24 10.95
CA GLU A 81 -4.78 -25.21 10.93
C GLU A 81 -6.14 -24.63 10.60
N ILE A 82 -6.18 -23.75 9.60
CA ILE A 82 -7.42 -23.09 9.19
C ILE A 82 -7.56 -23.18 7.69
N PRO A 83 -8.78 -23.05 7.16
CA PRO A 83 -8.93 -23.06 5.70
C PRO A 83 -8.38 -21.78 5.10
N LYS A 84 -7.77 -21.93 3.95
CA LYS A 84 -7.54 -20.80 3.08
C LYS A 84 -8.82 -20.51 2.29
N PRO A 85 -9.08 -19.25 1.96
CA PRO A 85 -10.31 -18.97 1.20
C PRO A 85 -10.48 -19.80 -0.07
N ASP A 86 -9.39 -20.05 -0.82
CA ASP A 86 -9.49 -20.65 -2.15
C ASP A 86 -9.17 -22.13 -2.18
N GLY A 87 -8.93 -22.74 -1.04
CA GLY A 87 -8.66 -24.17 -1.01
C GLY A 87 -7.37 -24.40 -0.25
N GLY A 88 -7.30 -25.55 0.38
CA GLY A 88 -6.14 -25.87 1.14
C GLY A 88 -6.20 -25.29 2.54
N VAL A 89 -5.09 -25.46 3.22
CA VAL A 89 -5.01 -25.19 4.64
CA VAL A 89 -4.99 -25.20 4.65
C VAL A 89 -3.80 -24.32 4.93
N ARG A 90 -3.96 -23.42 5.87
CA ARG A 90 -2.88 -22.59 6.36
CA ARG A 90 -2.89 -22.57 6.36
C ARG A 90 -2.56 -22.99 7.79
N ASN A 91 -1.28 -23.11 8.07
CA ASN A 91 -0.80 -23.47 9.39
C ASN A 91 -0.25 -22.24 10.08
N LEU A 92 -0.73 -22.00 11.27
CA LEU A 92 -0.34 -20.86 12.07
C LEU A 92 0.26 -21.35 13.38
N GLY A 93 1.19 -20.58 13.91
CA GLY A 93 1.68 -20.79 15.27
C GLY A 93 1.19 -19.65 16.14
N VAL A 94 0.22 -19.93 17.00
CA VAL A 94 -0.52 -18.93 17.76
C VAL A 94 0.05 -18.85 19.17
N PRO A 95 0.71 -17.76 19.57
CA PRO A 95 1.10 -17.60 20.98
C PRO A 95 -0.11 -17.42 21.86
N THR A 96 0.05 -17.76 23.14
CA THR A 96 -1.00 -17.41 24.10
C THR A 96 -1.22 -15.92 24.07
N VAL A 97 -2.39 -15.49 24.52
CA VAL A 97 -2.66 -14.06 24.50
CA VAL A 97 -2.71 -14.07 24.57
C VAL A 97 -1.72 -13.32 25.45
N THR A 98 -1.30 -13.95 26.55
CA THR A 98 -0.29 -13.31 27.41
C THR A 98 0.99 -13.06 26.63
N ASP A 99 1.44 -14.08 25.89
CA ASP A 99 2.65 -13.93 25.08
C ASP A 99 2.45 -12.95 23.93
N ARG A 100 1.27 -12.88 23.33
CA ARG A 100 1.03 -11.86 22.32
C ARG A 100 1.19 -10.48 22.93
N PHE A 101 0.67 -10.30 24.13
CA PHE A 101 0.80 -9.05 24.88
C PHE A 101 2.25 -8.68 25.15
N ILE A 102 3.03 -9.62 25.68
CA ILE A 102 4.43 -9.31 25.96
C ILE A 102 5.20 -9.06 24.68
N GLN A 103 4.95 -9.88 23.64
CA GLN A 103 5.58 -9.65 22.36
C GLN A 103 5.28 -8.25 21.82
N GLN A 104 4.03 -7.84 21.91
CA GLN A 104 3.62 -6.51 21.46
C GLN A 104 4.30 -5.42 22.27
N ALA A 105 4.42 -5.63 23.58
CA ALA A 105 5.09 -4.65 24.42
C ALA A 105 6.54 -4.48 23.99
N ILE A 106 7.24 -5.59 23.72
CA ILE A 106 8.61 -5.53 23.23
C ILE A 106 8.67 -4.81 21.89
N ALA A 107 7.82 -5.23 20.97
CA ALA A 107 7.85 -4.67 19.62
C ALA A 107 7.56 -3.18 19.60
N GLN A 108 6.72 -2.70 20.51
CA GLN A 108 6.41 -1.27 20.53
C GLN A 108 7.65 -0.44 20.82
N VAL A 109 8.58 -0.97 21.59
CA VAL A 109 9.83 -0.28 21.89
C VAL A 109 10.86 -0.50 20.78
N LEU A 110 10.97 -1.71 20.26
CA LEU A 110 11.96 -1.98 19.22
C LEU A 110 11.60 -1.39 17.86
N THR A 111 10.31 -1.34 17.51
CA THR A 111 9.89 -0.91 16.18
C THR A 111 10.42 0.48 15.87
N PRO A 112 10.21 1.48 16.71
CA PRO A 112 10.66 2.82 16.31
C PRO A 112 12.16 2.90 16.14
N ILE A 113 12.92 2.13 16.90
CA ILE A 113 14.36 2.12 16.74
C ILE A 113 14.70 1.58 15.36
N TYR A 114 14.16 0.41 15.03
CA TYR A 114 14.52 -0.21 13.76
C TYR A 114 13.89 0.45 12.54
N GLU A 115 12.74 1.11 12.68
CA GLU A 115 12.18 1.82 11.54
C GLU A 115 13.17 2.84 11.00
N GLU A 116 14.00 3.43 11.86
CA GLU A 116 14.99 4.41 11.41
CA GLU A 116 15.00 4.41 11.42
C GLU A 116 16.22 3.74 10.79
N GLN A 117 16.36 2.43 10.88
CA GLN A 117 17.45 1.73 10.21
C GLN A 117 17.03 1.11 8.88
N PHE A 118 15.77 0.81 8.69
CA PHE A 118 15.32 -0.03 7.59
C PHE A 118 15.35 0.70 6.25
N HIS A 119 15.40 -0.11 5.21
CA HIS A 119 15.48 0.33 3.82
C HIS A 119 14.08 0.64 3.29
N ASP A 120 13.98 1.69 2.47
CA ASP A 120 12.71 2.11 1.90
C ASP A 120 12.05 1.08 1.00
N HIS A 121 12.77 0.07 0.52
CA HIS A 121 12.21 -0.96 -0.34
C HIS A 121 11.89 -2.25 0.41
N SER A 122 11.82 -2.18 1.73
CA SER A 122 11.30 -3.24 2.57
C SER A 122 9.89 -2.85 3.01
N TYR A 123 8.92 -3.73 2.75
CA TYR A 123 7.51 -3.39 2.87
C TYR A 123 6.69 -4.31 3.76
N GLY A 124 7.26 -5.40 4.27
CA GLY A 124 6.47 -6.41 4.97
C GLY A 124 6.37 -6.14 6.45
N PHE A 125 5.15 -6.12 6.96
CA PHE A 125 4.87 -6.04 8.39
C PHE A 125 5.49 -4.80 9.01
N ARG A 126 5.41 -3.69 8.30
CA ARG A 126 5.91 -2.40 8.76
C ARG A 126 4.76 -1.40 8.77
N PRO A 127 4.82 -0.42 9.67
CA PRO A 127 3.74 0.57 9.75
C PRO A 127 3.59 1.33 8.45
N ASN A 128 2.34 1.44 8.01
CA ASN A 128 1.92 2.21 6.85
C ASN A 128 2.48 1.68 5.54
N ARG A 129 2.95 0.45 5.52
CA ARG A 129 3.46 -0.17 4.32
C ARG A 129 2.63 -1.40 3.97
N CYS A 130 2.63 -1.78 2.70
CA CYS A 130 1.84 -2.92 2.27
C CYS A 130 2.42 -3.53 1.01
N ALA A 131 1.87 -4.69 0.66
CA ALA A 131 2.36 -5.45 -0.49
C ALA A 131 2.22 -4.67 -1.78
N GLN A 132 1.13 -3.93 -1.93
CA GLN A 132 0.91 -3.23 -3.19
C GLN A 132 1.97 -2.17 -3.45
N GLN A 133 2.53 -1.58 -2.39
CA GLN A 133 3.63 -0.64 -2.56
C GLN A 133 4.86 -1.34 -3.12
N ALA A 134 5.14 -2.56 -2.65
CA ALA A 134 6.24 -3.34 -3.20
C ALA A 134 6.01 -3.60 -4.68
N ILE A 135 4.78 -3.98 -5.04
CA ILE A 135 4.46 -4.25 -6.44
C ILE A 135 4.71 -3.02 -7.29
N LEU A 136 4.23 -1.86 -6.84
CA LEU A 136 4.38 -0.61 -7.59
CA LEU A 136 4.38 -0.67 -7.67
C LEU A 136 5.85 -0.28 -7.80
N THR A 137 6.65 -0.40 -6.74
CA THR A 137 8.07 -0.10 -6.87
C THR A 137 8.72 -1.04 -7.87
N ALA A 138 8.40 -2.33 -7.78
CA ALA A 138 8.96 -3.30 -8.72
C ALA A 138 8.55 -3.03 -10.14
N LEU A 139 7.28 -2.67 -10.35
CA LEU A 139 6.82 -2.34 -11.70
C LEU A 139 7.60 -1.16 -12.29
N ASP A 140 7.88 -0.15 -11.49
CA ASP A 140 8.67 0.97 -12.00
C ASP A 140 10.06 0.51 -12.43
N MET A 141 10.66 -0.38 -11.66
CA MET A 141 11.96 -0.92 -12.02
C MET A 141 11.86 -1.74 -13.31
N MET A 142 10.83 -2.58 -13.40
CA MET A 142 10.67 -3.40 -14.60
C MET A 142 10.50 -2.52 -15.83
N ASN A 143 9.67 -1.48 -15.71
CA ASN A 143 9.38 -0.63 -16.85
C ASN A 143 10.52 0.32 -17.18
N ASP A 144 11.51 0.47 -16.34
CA ASP A 144 12.74 1.14 -16.67
C ASP A 144 13.72 0.23 -17.40
N GLY A 145 13.33 -1.01 -17.73
CA GLY A 145 14.17 -1.94 -18.46
C GLY A 145 14.73 -3.07 -17.63
N ASN A 146 14.47 -3.11 -16.33
CA ASN A 146 15.05 -4.13 -15.46
C ASN A 146 14.06 -5.28 -15.32
N ASP A 147 13.90 -6.01 -16.42
CA ASP A 147 12.87 -7.02 -16.54
C ASP A 147 13.43 -8.44 -16.63
N TRP A 148 14.63 -8.64 -16.11
CA TRP A 148 15.12 -9.96 -15.75
C TRP A 148 15.07 -10.05 -14.22
N ILE A 149 14.28 -10.97 -13.70
CA ILE A 149 13.94 -11.00 -12.29
C ILE A 149 14.70 -12.12 -11.61
N VAL A 150 15.43 -11.78 -10.57
CA VAL A 150 16.09 -12.76 -9.71
C VAL A 150 15.12 -13.08 -8.59
N ASP A 151 14.64 -14.32 -8.55
CA ASP A 151 13.62 -14.77 -7.61
C ASP A 151 14.21 -15.88 -6.75
N ILE A 152 14.88 -15.47 -5.66
CA ILE A 152 15.44 -16.39 -4.69
C ILE A 152 14.34 -16.82 -3.76
N ASP A 153 14.17 -18.12 -3.62
CA ASP A 153 13.19 -18.69 -2.72
C ASP A 153 13.90 -19.15 -1.47
N LEU A 154 13.49 -18.61 -0.34
CA LEU A 154 14.05 -18.97 0.94
C LEU A 154 13.13 -19.94 1.68
N GLU A 155 13.72 -20.90 2.37
CA GLU A 155 12.95 -21.69 3.30
C GLU A 155 12.42 -20.79 4.41
N LYS A 156 11.34 -21.21 5.05
CA LYS A 156 10.68 -20.42 6.09
CA LYS A 156 10.71 -20.36 6.04
C LYS A 156 11.69 -19.88 7.09
N PHE A 157 11.64 -18.59 7.34
CA PHE A 157 12.61 -17.92 8.20
C PHE A 157 12.69 -18.58 9.56
N PHE A 158 11.57 -18.72 10.25
CA PHE A 158 11.66 -19.21 11.63
C PHE A 158 11.93 -20.70 11.70
N ASP A 159 11.75 -21.44 10.59
CA ASP A 159 12.13 -22.84 10.57
C ASP A 159 13.63 -23.02 10.41
N THR A 160 14.34 -21.99 9.97
CA THR A 160 15.73 -22.17 9.56
C THR A 160 16.71 -21.18 10.16
N VAL A 161 16.25 -20.07 10.72
CA VAL A 161 17.19 -19.06 11.18
C VAL A 161 18.04 -19.61 12.32
N ASN A 162 19.30 -19.24 12.32
CA ASN A 162 20.20 -19.58 13.41
C ASN A 162 19.99 -18.56 14.53
N HIS A 163 19.57 -19.02 15.70
CA HIS A 163 19.20 -18.10 16.77
C HIS A 163 20.39 -17.24 17.20
N ASP A 164 21.57 -17.83 17.32
CA ASP A 164 22.72 -17.03 17.72
C ASP A 164 23.03 -15.95 16.71
N LYS A 165 22.98 -16.27 15.40
CA LYS A 165 23.26 -15.25 14.38
CA LYS A 165 23.27 -15.24 14.41
C LYS A 165 22.26 -14.10 14.50
N LEU A 166 20.99 -14.45 14.66
CA LEU A 166 19.95 -13.42 14.76
C LEU A 166 20.18 -12.56 16.00
N MET A 167 20.43 -13.19 17.15
CA MET A 167 20.63 -12.42 18.38
C MET A 167 21.88 -11.58 18.33
N THR A 168 22.93 -12.06 17.65
CA THR A 168 24.12 -11.24 17.44
C THR A 168 23.79 -9.97 16.65
N ILE A 169 23.02 -10.09 15.57
CA ILE A 169 22.67 -8.91 14.81
C ILE A 169 21.86 -7.96 15.69
N ILE A 170 20.84 -8.48 16.39
CA ILE A 170 20.02 -7.63 17.24
C ILE A 170 20.88 -6.91 18.26
N GLY A 171 21.82 -7.64 18.87
CA GLY A 171 22.65 -7.09 19.93
C GLY A 171 23.58 -5.96 19.49
N ARG A 172 23.78 -5.76 18.18
CA ARG A 172 24.55 -4.60 17.73
C ARG A 172 23.84 -3.30 18.10
N THR A 173 22.51 -3.32 18.13
CA THR A 173 21.70 -2.17 18.48
C THR A 173 21.15 -2.25 19.90
N ILE A 174 20.65 -3.41 20.31
CA ILE A 174 19.98 -3.58 21.58
C ILE A 174 21.00 -4.10 22.58
N LYS A 175 21.42 -3.24 23.50
CA LYS A 175 22.45 -3.57 24.47
C LYS A 175 21.88 -4.01 25.81
N ASP A 176 20.58 -4.07 25.94
CA ASP A 176 19.90 -4.49 27.16
C ASP A 176 19.79 -6.02 27.18
N GLY A 177 20.60 -6.65 28.04
CA GLY A 177 20.67 -8.09 28.09
C GLY A 177 19.37 -8.75 28.52
N ASP A 178 18.53 -8.03 29.29
CA ASP A 178 17.23 -8.57 29.65
C ASP A 178 16.29 -8.64 28.47
N VAL A 179 16.39 -7.69 27.53
CA VAL A 179 15.60 -7.74 26.31
C VAL A 179 16.12 -8.83 25.38
N ILE A 180 17.45 -8.91 25.24
CA ILE A 180 18.05 -9.99 24.46
C ILE A 180 17.55 -11.33 24.97
N SER A 181 17.53 -11.50 26.30
CA SER A 181 17.16 -12.78 26.88
C SER A 181 15.73 -13.17 26.52
N ILE A 182 14.75 -12.26 26.69
CA ILE A 182 13.37 -12.63 26.42
C ILE A 182 13.14 -12.85 24.92
N VAL A 183 13.78 -12.04 24.08
CA VAL A 183 13.62 -12.25 22.64
C VAL A 183 14.09 -13.64 22.24
N ARG A 184 15.22 -14.08 22.80
CA ARG A 184 15.69 -15.41 22.46
CA ARG A 184 15.71 -15.42 22.49
C ARG A 184 14.70 -16.47 22.93
N LYS A 185 14.12 -16.32 24.11
CA LYS A 185 13.14 -17.30 24.54
CA LYS A 185 13.12 -17.27 24.56
C LYS A 185 11.93 -17.33 23.62
N TYR A 186 11.52 -16.19 23.08
CA TYR A 186 10.41 -16.22 22.14
C TYR A 186 10.78 -16.95 20.85
N LEU A 187 12.03 -16.86 20.38
CA LEU A 187 12.43 -17.69 19.24
C LEU A 187 12.14 -19.16 19.51
N VAL A 188 12.58 -19.66 20.67
CA VAL A 188 12.43 -21.07 20.96
C VAL A 188 10.97 -21.44 21.10
N SER A 189 10.13 -20.49 21.49
CA SER A 189 8.71 -20.80 21.64
C SER A 189 8.01 -21.10 20.34
N GLY A 190 8.61 -20.76 19.21
CA GLY A 190 8.06 -21.09 17.91
C GLY A 190 7.33 -19.98 17.20
N ILE A 191 7.57 -18.74 17.55
CA ILE A 191 6.91 -17.65 16.82
C ILE A 191 7.25 -17.74 15.33
N MET A 192 6.31 -17.30 14.50
CA MET A 192 6.39 -17.53 13.07
C MET A 192 5.67 -16.42 12.32
N ILE A 193 5.71 -16.47 10.99
CA ILE A 193 5.15 -15.42 10.15
C ILE A 193 3.93 -15.95 9.42
N ASP A 194 2.78 -15.35 9.68
CA ASP A 194 1.53 -15.64 8.96
C ASP A 194 1.70 -15.23 7.51
N ASP A 195 1.63 -16.20 6.61
CA ASP A 195 1.91 -16.00 5.19
C ASP A 195 0.66 -15.77 4.34
N GLU A 196 -0.44 -15.34 4.94
CA GLU A 196 -1.65 -15.20 4.14
C GLU A 196 -1.56 -14.10 3.10
N TYR A 197 -0.61 -13.19 3.21
CA TYR A 197 -0.40 -12.23 2.15
C TYR A 197 -0.07 -12.91 0.82
N GLU A 198 0.43 -14.14 0.84
CA GLU A 198 0.72 -14.84 -0.41
C GLU A 198 -0.55 -15.14 -1.19
N ASP A 199 -1.69 -15.14 -0.52
CA ASP A 199 -2.98 -15.38 -1.12
C ASP A 199 -3.74 -14.08 -1.37
N SER A 200 -3.03 -12.96 -1.36
CA SER A 200 -3.60 -11.64 -1.64
C SER A 200 -4.48 -11.12 -0.51
N ILE A 201 -4.37 -11.70 0.67
CA ILE A 201 -5.22 -11.33 1.80
C ILE A 201 -4.65 -10.09 2.46
N VAL A 202 -5.55 -9.16 2.83
CA VAL A 202 -5.24 -7.96 3.58
C VAL A 202 -5.99 -8.06 4.91
N GLY A 203 -5.29 -7.80 6.00
CA GLY A 203 -5.90 -7.85 7.31
C GLY A 203 -4.89 -8.22 8.36
N THR A 204 -5.39 -8.32 9.58
CA THR A 204 -4.50 -8.51 10.72
CA THR A 204 -4.55 -8.53 10.77
C THR A 204 -3.92 -9.92 10.74
N PRO A 205 -2.60 -10.08 10.70
CA PRO A 205 -2.04 -11.43 10.79
C PRO A 205 -2.23 -12.00 12.19
N GLN A 206 -2.17 -13.32 12.29
CA GLN A 206 -2.11 -13.95 13.60
C GLN A 206 -0.69 -14.28 13.99
N GLY A 207 -0.40 -14.10 15.28
CA GLY A 207 0.90 -14.46 15.82
C GLY A 207 2.05 -13.60 15.37
N GLY A 208 1.79 -12.39 14.90
CA GLY A 208 2.81 -11.57 14.28
C GLY A 208 3.19 -10.32 15.01
N ASN A 209 3.05 -10.28 16.35
CA ASN A 209 3.43 -9.04 17.01
CA ASN A 209 3.41 -9.09 17.12
C ASN A 209 4.92 -8.82 17.06
N LEU A 210 5.72 -9.86 17.06
CA LEU A 210 7.19 -9.72 17.18
C LEU A 210 7.95 -10.44 16.08
N SER A 211 7.51 -11.63 15.66
CA SER A 211 8.28 -12.40 14.70
C SER A 211 8.59 -11.65 13.42
N PRO A 212 7.65 -10.96 12.78
CA PRO A 212 8.01 -10.29 11.51
C PRO A 212 9.07 -9.23 11.70
N LEU A 213 9.02 -8.48 12.82
CA LEU A 213 10.05 -7.50 13.08
C LEU A 213 11.41 -8.16 13.19
N LEU A 214 11.51 -9.28 13.90
CA LEU A 214 12.79 -9.95 14.05
C LEU A 214 13.33 -10.39 12.69
N ALA A 215 12.45 -10.91 11.84
CA ALA A 215 12.88 -11.30 10.50
C ALA A 215 13.39 -10.10 9.72
N ASN A 216 12.70 -8.97 9.83
CA ASN A 216 13.15 -7.75 9.18
C ASN A 216 14.49 -7.27 9.72
N ILE A 217 14.76 -7.45 11.02
CA ILE A 217 16.07 -7.05 11.55
C ILE A 217 17.18 -7.83 10.85
N MET A 218 17.01 -9.15 10.73
CA MET A 218 18.04 -9.93 10.06
CA MET A 218 18.02 -9.96 10.05
C MET A 218 18.11 -9.59 8.57
N LEU A 219 16.97 -9.53 7.90
CA LEU A 219 16.96 -9.32 6.46
C LEU A 219 17.34 -7.91 6.05
N ASN A 220 17.29 -6.98 7.00
CA ASN A 220 17.86 -5.67 6.76
C ASN A 220 19.34 -5.76 6.40
N GLU A 221 20.04 -6.77 6.90
CA GLU A 221 21.43 -7.00 6.51
C GLU A 221 21.53 -7.28 5.02
N LEU A 222 20.58 -8.04 4.48
CA LEU A 222 20.50 -8.28 3.04
C LEU A 222 20.20 -7.00 2.29
N ASP A 223 19.23 -6.22 2.78
CA ASP A 223 18.91 -4.97 2.11
C ASP A 223 20.13 -4.07 1.99
N LYS A 224 20.92 -3.94 3.07
CA LYS A 224 22.10 -3.10 3.03
C LYS A 224 23.11 -3.61 2.01
N GLU A 225 23.27 -4.93 1.93
CA GLU A 225 24.19 -5.50 0.95
C GLU A 225 23.70 -5.22 -0.47
N MET A 226 22.41 -5.40 -0.73
CA MET A 226 21.89 -5.15 -2.05
C MET A 226 22.01 -3.68 -2.42
N GLU A 227 21.77 -2.79 -1.45
CA GLU A 227 21.95 -1.37 -1.68
C GLU A 227 23.40 -1.02 -1.97
N LYS A 228 24.33 -1.62 -1.25
CA LYS A 228 25.75 -1.42 -1.50
C LYS A 228 26.11 -1.79 -2.93
N ARG A 229 25.51 -2.86 -3.43
CA ARG A 229 25.76 -3.34 -4.77
C ARG A 229 24.94 -2.60 -5.82
N GLY A 230 24.13 -1.60 -5.44
CA GLY A 230 23.37 -0.82 -6.39
C GLY A 230 22.22 -1.57 -7.03
N LEU A 231 21.70 -2.59 -6.37
CA LEU A 231 20.64 -3.40 -6.97
C LEU A 231 19.28 -2.78 -6.78
N ASN A 232 18.39 -3.08 -7.72
CA ASN A 232 16.98 -2.65 -7.68
C ASN A 232 16.19 -3.82 -7.10
N PHE A 233 15.61 -3.65 -5.92
CA PHE A 233 14.92 -4.76 -5.27
C PHE A 233 13.71 -4.24 -4.54
N VAL A 234 12.79 -5.18 -4.23
CA VAL A 234 11.80 -4.98 -3.20
C VAL A 234 11.80 -6.24 -2.34
N ARG A 235 11.40 -6.05 -1.07
CA ARG A 235 11.36 -7.17 -0.14
C ARG A 235 10.13 -7.03 0.74
N TYR A 236 9.50 -8.16 1.03
CA TYR A 236 8.37 -8.24 1.93
C TYR A 236 8.65 -9.45 2.83
N ALA A 237 9.05 -9.19 4.06
CA ALA A 237 9.48 -10.29 4.95
C ALA A 237 10.59 -11.05 4.25
N ASP A 238 10.54 -12.37 4.16
CA ASP A 238 11.62 -13.14 3.54
C ASP A 238 11.41 -13.38 2.06
N ASP A 239 10.58 -12.56 1.42
CA ASP A 239 10.28 -12.71 0.00
C ASP A 239 10.76 -11.49 -0.75
N CYS A 240 11.88 -11.64 -1.46
CA CYS A 240 12.55 -10.58 -2.19
CA CYS A 240 12.46 -10.54 -2.20
C CYS A 240 12.56 -10.91 -3.66
N ILE A 241 12.38 -9.91 -4.51
CA ILE A 241 12.68 -10.01 -5.92
C ILE A 241 13.63 -8.89 -6.29
N ILE A 242 14.53 -9.18 -7.24
CA ILE A 242 15.56 -8.24 -7.67
C ILE A 242 15.42 -8.07 -9.19
N MET A 243 15.41 -6.82 -9.63
CA MET A 243 15.10 -6.45 -11.03
C MET A 243 16.40 -6.03 -11.68
N VAL A 244 16.80 -6.76 -12.73
CA VAL A 244 18.10 -6.64 -13.37
CA VAL A 244 18.08 -6.49 -13.36
C VAL A 244 17.89 -6.43 -14.88
N GLY A 245 18.90 -5.88 -15.56
CA GLY A 245 18.72 -5.51 -16.95
C GLY A 245 19.01 -6.55 -18.00
N SER A 246 19.63 -7.68 -17.65
CA SER A 246 20.01 -8.70 -18.61
C SER A 246 20.04 -10.06 -17.93
N GLU A 247 19.94 -11.11 -18.74
CA GLU A 247 20.03 -12.47 -18.21
C GLU A 247 21.38 -12.71 -17.57
N MET A 248 22.44 -12.27 -18.24
CA MET A 248 23.77 -12.46 -17.70
CA MET A 248 23.79 -12.43 -17.71
C MET A 248 23.92 -11.78 -16.34
N SER A 249 23.44 -10.55 -16.22
CA SER A 249 23.55 -9.87 -14.94
CA SER A 249 23.53 -9.85 -14.94
C SER A 249 22.68 -10.55 -13.89
N ALA A 250 21.50 -11.03 -14.29
CA ALA A 250 20.63 -11.72 -13.35
C ALA A 250 21.27 -12.98 -12.81
N ASN A 251 21.94 -13.75 -13.67
CA ASN A 251 22.60 -14.96 -13.19
C ASN A 251 23.70 -14.60 -12.21
N ARG A 252 24.42 -13.50 -12.46
CA ARG A 252 25.50 -13.05 -11.57
C ARG A 252 24.93 -12.64 -10.21
N VAL A 253 23.87 -11.84 -10.24
CA VAL A 253 23.21 -11.42 -9.00
C VAL A 253 22.68 -12.62 -8.24
N MET A 254 22.02 -13.54 -8.94
CA MET A 254 21.54 -14.76 -8.29
C MET A 254 22.67 -15.45 -7.53
N ARG A 255 23.80 -15.64 -8.21
CA ARG A 255 24.91 -16.34 -7.57
CA ARG A 255 24.93 -16.34 -7.58
C ARG A 255 25.41 -15.56 -6.36
N ASN A 256 25.65 -14.26 -6.54
CA ASN A 256 26.27 -13.47 -5.47
C ASN A 256 25.35 -13.32 -4.28
N ILE A 257 24.07 -12.99 -4.53
CA ILE A 257 23.17 -12.72 -3.42
C ILE A 257 22.77 -14.01 -2.71
N SER A 258 22.57 -15.10 -3.45
CA SER A 258 22.29 -16.38 -2.81
CA SER A 258 22.27 -16.35 -2.77
C SER A 258 23.43 -16.77 -1.88
N ARG A 259 24.67 -16.57 -2.34
CA ARG A 259 25.82 -16.89 -1.51
CA ARG A 259 25.81 -16.91 -1.50
C ARG A 259 25.85 -16.03 -0.25
N PHE A 260 25.59 -14.73 -0.38
CA PHE A 260 25.54 -13.86 0.79
C PHE A 260 24.49 -14.35 1.80
N ILE A 261 23.30 -14.67 1.31
CA ILE A 261 22.23 -15.11 2.21
C ILE A 261 22.63 -16.35 2.97
N GLU A 262 23.21 -17.32 2.28
CA GLU A 262 23.56 -18.56 2.95
C GLU A 262 24.80 -18.42 3.82
N GLU A 263 25.85 -17.76 3.33
CA GLU A 263 27.10 -17.72 4.05
C GLU A 263 27.11 -16.68 5.16
N LYS A 264 26.53 -15.51 4.92
CA LYS A 264 26.57 -14.44 5.89
C LYS A 264 25.37 -14.46 6.82
N LEU A 265 24.18 -14.77 6.31
CA LEU A 265 23.00 -14.77 7.18
C LEU A 265 22.63 -16.15 7.69
N GLY A 266 23.16 -17.20 7.09
CA GLY A 266 22.87 -18.54 7.51
C GLY A 266 21.49 -19.02 7.18
N LEU A 267 20.82 -18.38 6.22
CA LEU A 267 19.50 -18.80 5.78
C LEU A 267 19.65 -19.85 4.69
N LYS A 268 18.53 -20.39 4.24
CA LYS A 268 18.54 -21.55 3.34
C LYS A 268 17.79 -21.25 2.06
N VAL A 269 18.49 -21.32 0.93
CA VAL A 269 17.87 -21.18 -0.37
C VAL A 269 17.28 -22.52 -0.79
N ASN A 270 16.09 -22.48 -1.39
CA ASN A 270 15.53 -23.65 -2.02
C ASN A 270 16.01 -23.67 -3.47
N MET A 271 16.84 -24.65 -3.81
CA MET A 271 17.47 -24.76 -5.12
C MET A 271 16.41 -24.93 -6.21
N THR A 272 15.40 -25.73 -5.95
CA THR A 272 14.49 -26.08 -7.02
C THR A 272 13.51 -24.95 -7.32
N LYS A 273 13.26 -24.04 -6.38
CA LYS A 273 12.28 -23.00 -6.54
C LYS A 273 12.88 -21.62 -6.78
N SER A 274 14.18 -21.46 -6.69
CA SER A 274 14.84 -20.22 -7.03
C SER A 274 15.10 -20.19 -8.52
N LYS A 275 14.90 -19.04 -9.13
CA LYS A 275 15.06 -18.95 -10.58
CA LYS A 275 15.07 -18.96 -10.57
C LYS A 275 15.28 -17.51 -10.99
N VAL A 276 15.78 -17.36 -12.20
CA VAL A 276 15.74 -16.12 -12.95
C VAL A 276 14.62 -16.25 -13.98
N ASP A 277 13.78 -15.23 -14.10
CA ASP A 277 12.68 -15.29 -15.06
C ASP A 277 12.30 -13.89 -15.48
N ARG A 278 11.40 -13.80 -16.46
CA ARG A 278 10.81 -12.53 -16.84
C ARG A 278 9.58 -12.28 -15.98
N PRO A 279 9.04 -11.05 -15.99
CA PRO A 279 7.94 -10.76 -15.07
C PRO A 279 6.78 -11.73 -15.17
N ARG A 280 6.42 -12.17 -16.38
CA ARG A 280 5.23 -13.00 -16.47
CA ARG A 280 5.25 -13.03 -16.52
C ARG A 280 5.41 -14.34 -15.77
N GLY A 281 6.64 -14.74 -15.45
CA GLY A 281 6.81 -15.97 -14.70
C GLY A 281 6.87 -15.81 -13.20
N ILE A 282 6.67 -14.61 -12.67
CA ILE A 282 6.85 -14.32 -11.24
C ILE A 282 5.49 -14.25 -10.57
N LYS A 283 5.37 -14.91 -9.43
CA LYS A 283 4.23 -14.78 -8.54
C LYS A 283 4.75 -14.20 -7.25
N TYR A 284 4.17 -13.08 -6.82
CA TYR A 284 4.76 -12.31 -5.74
C TYR A 284 3.67 -11.60 -4.95
N LEU A 285 3.50 -11.98 -3.69
CA LEU A 285 2.55 -11.32 -2.79
C LEU A 285 1.13 -11.43 -3.29
N GLY A 286 0.82 -12.53 -3.98
CA GLY A 286 -0.48 -12.77 -4.53
C GLY A 286 -0.67 -12.23 -5.92
N PHE A 287 0.31 -11.49 -6.45
CA PHE A 287 0.21 -10.88 -7.76
C PHE A 287 1.00 -11.64 -8.80
N GLY A 288 0.51 -11.57 -10.03
CA GLY A 288 1.27 -11.87 -11.21
C GLY A 288 1.50 -10.60 -11.98
N PHE A 289 2.34 -10.70 -12.99
CA PHE A 289 2.75 -9.58 -13.82
C PHE A 289 2.40 -9.90 -15.27
N TYR A 290 2.04 -8.85 -16.01
CA TYR A 290 1.70 -9.04 -17.41
C TYR A 290 2.07 -7.78 -18.18
N TYR A 291 2.19 -7.97 -19.47
CA TYR A 291 2.45 -6.88 -20.39
C TYR A 291 1.13 -6.35 -20.93
N ASP A 292 0.82 -5.09 -20.62
CA ASP A 292 -0.39 -4.42 -21.10
C ASP A 292 -0.05 -3.91 -22.48
N THR A 293 -0.68 -4.49 -23.51
CA THR A 293 -0.33 -4.17 -24.90
C THR A 293 -0.71 -2.74 -25.27
N SER A 294 -1.80 -2.22 -24.72
CA SER A 294 -2.22 -0.85 -24.99
C SER A 294 -1.26 0.14 -24.35
N ALA A 295 -0.94 -0.07 -23.08
CA ALA A 295 -0.05 0.82 -22.34
C ALA A 295 1.42 0.62 -22.69
N GLN A 296 1.77 -0.51 -23.28
CA GLN A 296 3.17 -0.82 -23.57
C GLN A 296 4.01 -0.87 -22.28
N GLN A 297 3.44 -1.47 -21.25
CA GLN A 297 4.24 -1.64 -20.06
CA GLN A 297 3.98 -1.42 -19.89
C GLN A 297 3.69 -2.74 -19.20
N PHE A 298 4.53 -3.13 -18.26
CA PHE A 298 4.17 -4.14 -17.28
C PHE A 298 3.22 -3.56 -16.27
N LYS A 299 2.26 -4.38 -15.89
CA LYS A 299 1.31 -4.12 -14.84
C LYS A 299 1.18 -5.40 -14.03
N ALA A 300 0.43 -5.33 -12.93
CA ALA A 300 0.24 -6.48 -12.07
C ALA A 300 -1.24 -6.62 -11.73
N LYS A 301 -1.64 -7.83 -11.43
CA LYS A 301 -2.98 -8.12 -10.94
C LYS A 301 -2.92 -9.43 -10.18
N PRO A 302 -3.96 -9.78 -9.42
CA PRO A 302 -3.89 -11.03 -8.64
C PRO A 302 -3.69 -12.22 -9.56
N HIS A 303 -2.78 -13.11 -9.18
CA HIS A 303 -2.61 -14.32 -9.98
C HIS A 303 -3.68 -15.35 -9.62
N ALA A 304 -3.89 -16.29 -10.53
CA ALA A 304 -4.84 -17.37 -10.27
C ALA A 304 -4.43 -18.11 -9.00
N LYS A 305 -5.42 -18.42 -8.16
CA LYS A 305 -5.19 -19.10 -6.88
C LYS A 305 -5.80 -20.48 -6.97
N ASP B 14 1.17 32.36 -1.49
CA ASP B 14 1.07 33.04 -2.79
C ASP B 14 1.13 32.04 -3.94
N THR B 15 -0.01 31.87 -4.59
CA THR B 15 -0.12 30.97 -5.74
C THR B 15 -0.35 31.75 -7.04
N SER B 16 0.03 33.03 -7.07
CA SER B 16 -0.28 33.85 -8.23
C SER B 16 0.75 33.75 -9.35
N SER B 17 1.87 33.05 -9.14
CA SER B 17 2.95 32.99 -10.14
C SER B 17 3.53 31.57 -10.25
N LEU B 18 2.65 30.60 -10.44
CA LEU B 18 3.02 29.19 -10.54
C LEU B 18 3.43 28.77 -11.93
N MET B 19 3.03 29.53 -12.96
CA MET B 19 3.28 29.06 -14.31
C MET B 19 4.78 28.93 -14.57
N GLU B 20 5.58 29.85 -14.04
CA GLU B 20 7.01 29.76 -14.32
C GLU B 20 7.66 28.61 -13.58
N GLN B 21 7.09 28.20 -12.46
CA GLN B 21 7.55 26.97 -11.81
C GLN B 21 7.21 25.76 -12.66
N ILE B 22 6.02 25.75 -13.26
CA ILE B 22 5.62 24.64 -14.13
C ILE B 22 6.54 24.58 -15.34
N LEU B 23 6.93 25.74 -15.88
CA LEU B 23 7.69 25.80 -17.10
C LEU B 23 9.19 25.82 -16.89
N SER B 24 9.67 25.72 -15.66
CA SER B 24 11.10 25.71 -15.44
C SER B 24 11.75 24.49 -16.10
N ASN B 25 13.01 24.63 -16.50
CA ASN B 25 13.69 23.51 -17.14
CA ASN B 25 13.68 23.51 -17.15
C ASN B 25 13.78 22.32 -16.20
N ASP B 26 13.98 22.57 -14.91
CA ASP B 26 14.02 21.46 -13.96
C ASP B 26 12.70 20.70 -13.93
N ASN B 27 11.59 21.43 -13.80
CA ASN B 27 10.30 20.76 -13.75
C ASN B 27 9.98 20.06 -15.06
N LEU B 28 10.25 20.71 -16.19
CA LEU B 28 9.90 20.10 -17.47
C LEU B 28 10.78 18.88 -17.76
N ASN B 29 12.07 18.94 -17.40
CA ASN B 29 12.89 17.75 -17.59
C ASN B 29 12.35 16.58 -16.78
N ARG B 30 11.93 16.82 -15.54
CA ARG B 30 11.38 15.74 -14.73
C ARG B 30 10.09 15.21 -15.35
N ALA B 31 9.24 16.11 -15.86
CA ALA B 31 7.97 15.69 -16.46
C ALA B 31 8.22 14.87 -17.71
N TYR B 32 9.16 15.32 -18.55
CA TYR B 32 9.53 14.56 -19.73
C TYR B 32 9.95 13.15 -19.35
N LEU B 33 10.86 13.04 -18.38
CA LEU B 33 11.38 11.73 -18.01
C LEU B 33 10.27 10.84 -17.49
N GLN B 34 9.37 11.40 -16.69
CA GLN B 34 8.28 10.59 -16.18
C GLN B 34 7.36 10.11 -17.30
N VAL B 35 7.04 11.00 -18.23
CA VAL B 35 6.12 10.65 -19.30
C VAL B 35 6.72 9.57 -20.18
N VAL B 36 8.00 9.66 -20.48
CA VAL B 36 8.62 8.60 -21.26
CA VAL B 36 8.60 8.60 -21.26
C VAL B 36 8.66 7.30 -20.44
N ARG B 37 8.92 7.40 -19.13
CA ARG B 37 8.87 6.20 -18.28
C ARG B 37 7.49 5.55 -18.32
N ASN B 38 6.44 6.35 -18.31
CA ASN B 38 5.06 5.88 -18.29
CA ASN B 38 5.07 5.87 -18.28
C ASN B 38 4.61 5.30 -19.63
N LYS B 39 5.35 5.56 -20.70
CA LYS B 39 5.04 5.05 -22.03
C LYS B 39 3.58 5.36 -22.38
N GLY B 40 2.78 4.36 -22.70
CA GLY B 40 1.39 4.57 -23.00
C GLY B 40 1.11 4.64 -24.49
N ALA B 41 -0.15 4.46 -24.82
CA ALA B 41 -0.64 4.52 -26.18
C ALA B 41 -0.57 5.95 -26.72
N GLU B 42 -0.60 6.05 -28.05
CA GLU B 42 -0.66 7.36 -28.70
C GLU B 42 -2.03 8.01 -28.51
N GLY B 43 -2.01 9.33 -28.50
CA GLY B 43 -3.22 10.11 -28.57
C GLY B 43 -3.65 10.33 -30.01
N VAL B 44 -4.53 11.32 -30.20
CA VAL B 44 -5.16 11.55 -31.49
C VAL B 44 -4.19 11.98 -32.57
N ASP B 45 -3.03 12.53 -32.20
CA ASP B 45 -2.07 13.00 -33.19
C ASP B 45 -1.18 11.92 -33.72
N GLY B 46 -1.22 10.71 -33.16
CA GLY B 46 -0.38 9.62 -33.62
C GLY B 46 1.04 9.66 -33.11
N MET B 47 1.39 10.58 -32.24
CA MET B 47 2.78 10.68 -31.77
C MET B 47 3.07 9.65 -30.69
N LYS B 48 4.16 8.91 -30.87
CA LYS B 48 4.60 7.90 -29.91
C LYS B 48 5.48 8.55 -28.84
N TYR B 49 5.52 7.91 -27.66
CA TYR B 49 6.32 8.50 -26.59
C TYR B 49 7.78 8.57 -26.98
N THR B 50 8.25 7.68 -27.87
CA THR B 50 9.62 7.68 -28.35
C THR B 50 9.94 8.86 -29.23
N GLU B 51 8.93 9.59 -29.69
CA GLU B 51 9.11 10.77 -30.52
C GLU B 51 9.08 12.06 -29.73
N LEU B 52 8.78 12.01 -28.42
CA LEU B 52 8.59 13.24 -27.67
C LEU B 52 9.88 14.03 -27.54
N LYS B 53 11.00 13.34 -27.31
CA LYS B 53 12.26 14.04 -27.10
C LYS B 53 12.61 14.92 -28.29
N GLU B 54 12.59 14.34 -29.49
CA GLU B 54 12.94 15.14 -30.65
CA GLU B 54 12.91 15.11 -30.68
C GLU B 54 11.89 16.21 -30.91
N TYR B 55 10.62 15.90 -30.65
CA TYR B 55 9.57 16.90 -30.83
C TYR B 55 9.79 18.11 -29.93
N LEU B 56 10.11 17.86 -28.66
CA LEU B 56 10.36 18.96 -27.73
C LEU B 56 11.65 19.71 -28.05
N ALA B 57 12.68 19.02 -28.57
CA ALA B 57 13.88 19.74 -28.97
C ALA B 57 13.55 20.79 -30.02
N LYS B 58 12.65 20.45 -30.95
CA LYS B 58 12.29 21.34 -32.03
C LYS B 58 11.26 22.38 -31.60
N ASN B 59 10.25 21.98 -30.82
CA ASN B 59 9.07 22.80 -30.57
C ASN B 59 8.88 23.20 -29.12
N GLY B 60 9.77 22.81 -28.22
CA GLY B 60 9.55 23.06 -26.81
C GLY B 60 9.41 24.54 -26.48
N GLU B 61 10.25 25.38 -27.07
CA GLU B 61 10.15 26.81 -26.80
C GLU B 61 8.87 27.41 -27.40
N ILE B 62 8.45 26.92 -28.56
CA ILE B 62 7.17 27.36 -29.15
C ILE B 62 6.02 27.02 -28.21
N ILE B 63 6.03 25.79 -27.66
CA ILE B 63 4.95 25.36 -26.79
C ILE B 63 4.94 26.17 -25.50
N LYS B 64 6.12 26.40 -24.92
CA LYS B 64 6.20 27.20 -23.70
C LYS B 64 5.66 28.59 -23.94
N GLU B 65 6.01 29.20 -25.07
CA GLU B 65 5.47 30.52 -25.41
C GLU B 65 3.95 30.48 -25.51
N GLN B 66 3.40 29.48 -26.20
CA GLN B 66 1.95 29.40 -26.35
C GLN B 66 1.27 29.27 -24.98
N LEU B 67 1.85 28.46 -24.10
CA LEU B 67 1.28 28.33 -22.76
C LEU B 67 1.35 29.65 -22.00
N ARG B 68 2.45 30.39 -22.15
CA ARG B 68 2.59 31.63 -21.40
C ARG B 68 1.55 32.67 -21.81
N ILE B 69 1.09 32.64 -23.05
CA ILE B 69 0.13 33.61 -23.56
C ILE B 69 -1.27 33.04 -23.70
N ARG B 70 -1.51 31.82 -23.18
CA ARG B 70 -2.83 31.19 -23.19
C ARG B 70 -3.32 30.90 -24.61
N LYS B 71 -2.39 30.60 -25.50
CA LYS B 71 -2.73 30.22 -26.86
C LYS B 71 -2.44 28.77 -27.18
N TYR B 72 -1.99 27.98 -26.20
CA TYR B 72 -1.82 26.56 -26.40
C TYR B 72 -3.18 25.87 -26.33
N LYS B 73 -3.48 25.04 -27.31
CA LYS B 73 -4.75 24.34 -27.37
CA LYS B 73 -4.76 24.33 -27.40
C LYS B 73 -4.53 22.85 -27.19
N PRO B 74 -4.89 22.27 -26.05
CA PRO B 74 -4.83 20.82 -25.92
C PRO B 74 -5.59 20.13 -27.03
N GLN B 75 -5.11 18.98 -27.42
CA GLN B 75 -5.84 18.11 -28.32
CA GLN B 75 -5.90 18.18 -28.31
C GLN B 75 -6.89 17.33 -27.54
N PRO B 76 -8.02 16.99 -28.14
CA PRO B 76 -8.96 16.12 -27.45
C PRO B 76 -8.32 14.78 -27.13
N VAL B 77 -8.77 14.17 -26.03
CA VAL B 77 -8.31 12.82 -25.71
C VAL B 77 -8.83 11.86 -26.77
N ARG B 78 -8.07 10.79 -27.00
CA ARG B 78 -8.48 9.72 -27.87
C ARG B 78 -9.29 8.72 -27.05
N ARG B 79 -10.49 8.43 -27.48
CA ARG B 79 -11.36 7.53 -26.74
CA ARG B 79 -11.35 7.53 -26.73
C ARG B 79 -11.01 6.09 -27.13
N VAL B 80 -10.68 5.28 -26.15
CA VAL B 80 -10.37 3.88 -26.34
C VAL B 80 -11.35 3.07 -25.49
N GLU B 81 -11.88 2.00 -26.08
CA GLU B 81 -12.79 1.10 -25.39
C GLU B 81 -12.05 -0.20 -25.10
N ILE B 82 -12.09 -0.63 -23.84
CA ILE B 82 -11.35 -1.78 -23.35
C ILE B 82 -12.37 -2.82 -22.88
N PRO B 83 -12.37 -4.05 -23.40
CA PRO B 83 -13.30 -5.06 -22.89
C PRO B 83 -13.07 -5.38 -21.43
N LYS B 84 -14.17 -5.57 -20.69
CA LYS B 84 -14.14 -5.97 -19.30
C LYS B 84 -14.41 -7.47 -19.18
N PRO B 85 -13.96 -8.10 -18.09
CA PRO B 85 -14.19 -9.55 -17.94
C PRO B 85 -15.67 -9.93 -17.94
N ASP B 86 -16.54 -9.05 -17.45
CA ASP B 86 -17.95 -9.36 -17.30
C ASP B 86 -18.78 -9.00 -18.53
N GLY B 87 -18.16 -8.63 -19.65
CA GLY B 87 -18.87 -8.26 -20.84
C GLY B 87 -19.11 -6.76 -20.99
N GLY B 88 -18.76 -5.96 -19.99
CA GLY B 88 -18.87 -4.53 -20.10
C GLY B 88 -17.72 -3.95 -20.90
N VAL B 89 -17.65 -2.63 -20.88
CA VAL B 89 -16.59 -1.90 -21.57
C VAL B 89 -16.03 -0.87 -20.60
N ARG B 90 -14.69 -0.80 -20.54
CA ARG B 90 -13.98 0.25 -19.85
C ARG B 90 -13.60 1.33 -20.85
N ASN B 91 -13.87 2.57 -20.50
CA ASN B 91 -13.56 3.70 -21.36
C ASN B 91 -12.30 4.38 -20.86
N LEU B 92 -11.40 4.69 -21.80
CA LEU B 92 -10.17 5.43 -21.52
CA LEU B 92 -10.19 5.43 -21.49
C LEU B 92 -10.10 6.63 -22.44
N GLY B 93 -9.61 7.74 -21.92
CA GLY B 93 -9.32 8.90 -22.73
C GLY B 93 -7.84 9.15 -22.69
N VAL B 94 -7.17 8.91 -23.82
CA VAL B 94 -5.71 8.98 -23.89
C VAL B 94 -5.32 10.36 -24.44
N PRO B 95 -4.67 11.21 -23.64
CA PRO B 95 -4.14 12.46 -24.18
C PRO B 95 -2.98 12.19 -25.12
N THR B 96 -2.69 13.15 -26.01
CA THR B 96 -1.46 13.04 -26.78
C THR B 96 -0.27 13.02 -25.84
N VAL B 97 0.85 12.51 -26.32
CA VAL B 97 2.02 12.47 -25.44
CA VAL B 97 2.07 12.47 -25.50
C VAL B 97 2.48 13.88 -25.06
N THR B 98 2.33 14.85 -25.96
CA THR B 98 2.64 16.23 -25.60
C THR B 98 1.76 16.72 -24.45
N ASP B 99 0.47 16.40 -24.54
CA ASP B 99 -0.43 16.78 -23.48
C ASP B 99 -0.20 15.99 -22.19
N ARG B 100 0.22 14.72 -22.30
CA ARG B 100 0.62 13.99 -21.09
C ARG B 100 1.80 14.68 -20.39
N PHE B 101 2.77 15.13 -21.20
CA PHE B 101 3.93 15.87 -20.70
C PHE B 101 3.50 17.15 -20.00
N ILE B 102 2.66 17.96 -20.63
CA ILE B 102 2.25 19.23 -20.02
C ILE B 102 1.43 18.96 -18.74
N GLN B 103 0.52 18.00 -18.81
CA GLN B 103 -0.28 17.63 -17.64
C GLN B 103 0.60 17.21 -16.47
N GLN B 104 1.63 16.41 -16.76
CA GLN B 104 2.57 15.96 -15.75
C GLN B 104 3.33 17.14 -15.16
N ALA B 105 3.74 18.07 -16.01
CA ALA B 105 4.44 19.26 -15.52
C ALA B 105 3.55 20.06 -14.57
N ILE B 106 2.26 20.23 -14.92
CA ILE B 106 1.32 20.93 -14.06
C ILE B 106 1.14 20.18 -12.75
N ALA B 107 0.93 18.88 -12.84
CA ALA B 107 0.65 18.08 -11.66
C ALA B 107 1.84 18.08 -10.71
N GLN B 108 3.07 18.12 -11.22
CA GLN B 108 4.23 18.11 -10.34
C GLN B 108 4.26 19.33 -9.43
N VAL B 109 3.74 20.45 -9.92
CA VAL B 109 3.68 21.67 -9.12
C VAL B 109 2.44 21.71 -8.23
N LEU B 110 1.29 21.29 -8.74
CA LEU B 110 0.07 21.36 -7.93
C LEU B 110 0.01 20.29 -6.85
N THR B 111 0.59 19.11 -7.09
CA THR B 111 0.48 18.02 -6.12
C THR B 111 0.99 18.41 -4.75
N PRO B 112 2.21 18.96 -4.58
CA PRO B 112 2.65 19.28 -3.22
C PRO B 112 1.79 20.33 -2.55
N ILE B 113 1.23 21.27 -3.31
CA ILE B 113 0.33 22.25 -2.73
C ILE B 113 -0.87 21.56 -2.10
N TYR B 114 -1.50 20.66 -2.84
CA TYR B 114 -2.73 20.05 -2.35
C TYR B 114 -2.48 18.91 -1.37
N GLU B 115 -1.31 18.28 -1.42
CA GLU B 115 -1.02 17.25 -0.42
C GLU B 115 -1.16 17.81 0.99
N GLU B 116 -0.87 19.10 1.18
CA GLU B 116 -1.00 19.72 2.49
C GLU B 116 -2.45 19.84 2.94
N GLN B 117 -3.39 19.84 2.01
CA GLN B 117 -4.80 20.00 2.36
C GLN B 117 -5.53 18.68 2.51
N PHE B 118 -5.03 17.61 1.89
CA PHE B 118 -5.84 16.42 1.72
C PHE B 118 -5.93 15.59 3.01
N HIS B 119 -7.02 14.84 3.10
CA HIS B 119 -7.35 14.04 4.26
C HIS B 119 -6.56 12.73 4.24
N ASP B 120 -6.19 12.28 5.44
CA ASP B 120 -5.38 11.07 5.55
C ASP B 120 -6.08 9.81 5.08
N HIS B 121 -7.41 9.83 4.95
CA HIS B 121 -8.15 8.66 4.49
C HIS B 121 -8.55 8.75 3.01
N SER B 122 -7.90 9.65 2.27
CA SER B 122 -8.00 9.69 0.82
CA SER B 122 -7.99 9.68 0.81
C SER B 122 -6.73 9.04 0.24
N TYR B 123 -6.91 8.01 -0.60
CA TYR B 123 -5.82 7.15 -1.02
C TYR B 123 -5.63 7.04 -2.52
N GLY B 124 -6.49 7.63 -3.34
CA GLY B 124 -6.43 7.39 -4.78
C GLY B 124 -5.53 8.37 -5.49
N PHE B 125 -4.61 7.84 -6.29
CA PHE B 125 -3.78 8.62 -7.19
C PHE B 125 -3.00 9.69 -6.42
N ARG B 126 -2.47 9.31 -5.27
CA ARG B 126 -1.67 10.19 -4.45
C ARG B 126 -0.31 9.57 -4.23
N PRO B 127 0.72 10.39 -4.02
CA PRO B 127 2.07 9.84 -3.84
C PRO B 127 2.15 8.92 -2.63
N ASN B 128 2.72 7.75 -2.85
CA ASN B 128 2.99 6.76 -1.82
C ASN B 128 1.74 6.19 -1.17
N ARG B 129 0.59 6.31 -1.80
CA ARG B 129 -0.65 5.76 -1.30
C ARG B 129 -1.19 4.75 -2.31
N CYS B 130 -2.00 3.83 -1.84
CA CYS B 130 -2.55 2.83 -2.75
C CYS B 130 -3.82 2.25 -2.17
N ALA B 131 -4.48 1.45 -3.01
CA ALA B 131 -5.77 0.86 -2.67
C ALA B 131 -5.69 0.00 -1.42
N GLN B 132 -4.61 -0.76 -1.26
CA GLN B 132 -4.50 -1.66 -0.11
CA GLN B 132 -4.53 -1.66 -0.13
C GLN B 132 -4.50 -0.90 1.20
N GLN B 133 -3.96 0.32 1.22
CA GLN B 133 -4.01 1.12 2.44
C GLN B 133 -5.43 1.49 2.79
N ALA B 134 -6.24 1.86 1.79
CA ALA B 134 -7.64 2.13 2.04
C ALA B 134 -8.34 0.92 2.63
N ILE B 135 -8.05 -0.25 2.06
CA ILE B 135 -8.68 -1.48 2.54
C ILE B 135 -8.33 -1.72 4.00
N LEU B 136 -7.06 -1.59 4.35
CA LEU B 136 -6.65 -1.85 5.71
C LEU B 136 -7.27 -0.84 6.69
N THR B 137 -7.31 0.44 6.32
CA THR B 137 -8.00 1.41 7.15
C THR B 137 -9.46 1.03 7.35
N ALA B 138 -10.14 0.67 6.28
CA ALA B 138 -11.55 0.31 6.38
C ALA B 138 -11.74 -0.92 7.25
N LEU B 139 -10.87 -1.93 7.08
CA LEU B 139 -10.95 -3.14 7.91
C LEU B 139 -10.81 -2.79 9.38
N ASP B 140 -9.88 -1.93 9.72
CA ASP B 140 -9.72 -1.56 11.12
C ASP B 140 -10.98 -0.91 11.66
N MET B 141 -11.65 -0.09 10.86
CA MET B 141 -12.91 0.52 11.26
C MET B 141 -13.99 -0.54 11.42
N MET B 142 -14.08 -1.46 10.45
CA MET B 142 -15.05 -2.54 10.54
C MET B 142 -14.86 -3.37 11.78
N ASN B 143 -13.61 -3.70 12.09
CA ASN B 143 -13.32 -4.56 13.22
C ASN B 143 -13.46 -3.85 14.55
N ASP B 144 -13.58 -2.52 14.56
CA ASP B 144 -13.92 -1.76 15.76
CA ASP B 144 -13.91 -1.72 15.73
C ASP B 144 -15.42 -1.67 15.97
N GLY B 145 -16.21 -2.36 15.16
CA GLY B 145 -17.65 -2.39 15.29
C GLY B 145 -18.40 -1.60 14.24
N ASN B 146 -17.70 -0.91 13.35
CA ASN B 146 -18.36 -0.09 12.34
C ASN B 146 -18.53 -0.90 11.06
N ASP B 147 -19.45 -1.87 11.14
CA ASP B 147 -19.59 -2.89 10.10
C ASP B 147 -20.94 -2.81 9.38
N TRP B 148 -21.58 -1.65 9.43
CA TRP B 148 -22.64 -1.26 8.50
C TRP B 148 -22.01 -0.30 7.53
N ILE B 149 -21.97 -0.67 6.26
CA ILE B 149 -21.20 0.06 5.27
C ILE B 149 -22.15 0.85 4.39
N VAL B 150 -21.87 2.14 4.24
CA VAL B 150 -22.57 3.04 3.31
C VAL B 150 -21.69 3.08 2.07
N ASP B 151 -22.21 2.52 0.98
CA ASP B 151 -21.49 2.41 -0.29
C ASP B 151 -22.21 3.33 -1.27
N ILE B 152 -21.74 4.55 -1.37
CA ILE B 152 -22.31 5.55 -2.28
C ILE B 152 -21.66 5.39 -3.64
N ASP B 153 -22.49 5.23 -4.65
CA ASP B 153 -22.02 5.08 -6.01
C ASP B 153 -22.23 6.39 -6.74
N LEU B 154 -21.15 6.95 -7.29
CA LEU B 154 -21.22 8.18 -8.08
C LEU B 154 -21.10 7.88 -9.56
N GLU B 155 -21.86 8.62 -10.36
CA GLU B 155 -21.61 8.62 -11.79
C GLU B 155 -20.19 9.14 -12.05
N LYS B 156 -19.60 8.70 -13.16
CA LYS B 156 -18.21 9.05 -13.49
C LYS B 156 -17.96 10.53 -13.31
N PHE B 157 -16.90 10.86 -12.55
CA PHE B 157 -16.62 12.24 -12.17
C PHE B 157 -16.52 13.15 -13.40
N PHE B 158 -15.67 12.79 -14.36
CA PHE B 158 -15.46 13.71 -15.45
C PHE B 158 -16.60 13.72 -16.46
N ASP B 159 -17.52 12.75 -16.37
CA ASP B 159 -18.72 12.81 -17.18
C ASP B 159 -19.81 13.68 -16.57
N THR B 160 -19.69 14.08 -15.31
CA THR B 160 -20.77 14.79 -14.64
C THR B 160 -20.38 16.08 -13.97
N VAL B 161 -19.10 16.30 -13.68
CA VAL B 161 -18.69 17.48 -12.95
C VAL B 161 -18.96 18.74 -13.77
N ASN B 162 -19.35 19.78 -13.10
CA ASN B 162 -19.53 21.09 -13.72
C ASN B 162 -18.19 21.80 -13.70
N HIS B 163 -17.68 22.17 -14.88
CA HIS B 163 -16.34 22.75 -14.93
C HIS B 163 -16.25 24.07 -14.19
N ASP B 164 -17.31 24.89 -14.24
CA ASP B 164 -17.27 26.15 -13.52
C ASP B 164 -17.16 25.91 -12.02
N LYS B 165 -17.91 24.96 -11.49
CA LYS B 165 -17.83 24.68 -10.07
CA LYS B 165 -17.83 24.68 -10.07
C LYS B 165 -16.45 24.15 -9.70
N LEU B 166 -15.91 23.26 -10.51
CA LEU B 166 -14.60 22.70 -10.21
C LEU B 166 -13.52 23.79 -10.26
N MET B 167 -13.56 24.63 -11.30
CA MET B 167 -12.54 25.67 -11.38
C MET B 167 -12.68 26.69 -10.25
N THR B 168 -13.92 26.94 -9.80
CA THR B 168 -14.13 27.83 -8.67
C THR B 168 -13.48 27.26 -7.41
N ILE B 169 -13.64 25.95 -7.16
CA ILE B 169 -12.98 25.36 -6.00
C ILE B 169 -11.47 25.47 -6.14
N ILE B 170 -10.94 25.13 -7.32
CA ILE B 170 -9.49 25.19 -7.52
C ILE B 170 -8.98 26.59 -7.26
N GLY B 171 -9.70 27.61 -7.74
CA GLY B 171 -9.29 28.99 -7.60
C GLY B 171 -9.25 29.48 -6.17
N ARG B 172 -9.84 28.77 -5.22
CA ARG B 172 -9.70 29.15 -3.83
C ARG B 172 -8.25 29.03 -3.37
N THR B 173 -7.49 28.10 -3.96
CA THR B 173 -6.08 27.92 -3.64
C THR B 173 -5.16 28.51 -4.71
N ILE B 174 -5.49 28.30 -5.99
CA ILE B 174 -4.62 28.64 -7.10
C ILE B 174 -5.06 30.00 -7.63
N LYS B 175 -4.22 31.02 -7.45
CA LYS B 175 -4.55 32.37 -7.87
C LYS B 175 -3.93 32.75 -9.21
N ASP B 176 -3.09 31.89 -9.76
CA ASP B 176 -2.42 32.15 -11.03
C ASP B 176 -3.39 31.89 -12.17
N GLY B 177 -3.80 32.96 -12.85
CA GLY B 177 -4.79 32.82 -13.88
C GLY B 177 -4.31 32.07 -15.10
N ASP B 178 -2.99 32.06 -15.34
CA ASP B 178 -2.45 31.27 -16.45
C ASP B 178 -2.60 29.77 -16.18
N VAL B 179 -2.46 29.38 -14.92
CA VAL B 179 -2.63 27.97 -14.54
C VAL B 179 -4.12 27.60 -14.58
N ILE B 180 -4.98 28.48 -14.06
CA ILE B 180 -6.42 28.25 -14.14
C ILE B 180 -6.84 28.04 -15.58
N SER B 181 -6.31 28.89 -16.48
CA SER B 181 -6.71 28.82 -17.88
C SER B 181 -6.36 27.46 -18.51
N ILE B 182 -5.13 27.00 -18.32
CA ILE B 182 -4.71 25.75 -18.96
C ILE B 182 -5.41 24.55 -18.32
N VAL B 183 -5.59 24.57 -17.00
CA VAL B 183 -6.32 23.47 -16.35
C VAL B 183 -7.72 23.34 -16.93
N ARG B 184 -8.43 24.47 -17.11
CA ARG B 184 -9.77 24.39 -17.68
CA ARG B 184 -9.77 24.41 -17.68
C ARG B 184 -9.72 23.82 -19.08
N LYS B 185 -8.73 24.21 -19.89
CA LYS B 185 -8.62 23.66 -21.23
C LYS B 185 -8.43 22.16 -21.19
N TYR B 186 -7.67 21.64 -20.22
CA TYR B 186 -7.54 20.20 -20.12
C TYR B 186 -8.85 19.52 -19.73
N LEU B 187 -9.66 20.14 -18.86
CA LEU B 187 -10.99 19.59 -18.61
C LEU B 187 -11.75 19.44 -19.91
N VAL B 188 -11.76 20.49 -20.72
CA VAL B 188 -12.49 20.49 -21.99
C VAL B 188 -11.97 19.41 -22.91
N SER B 189 -10.67 19.16 -22.88
CA SER B 189 -10.09 18.14 -23.76
C SER B 189 -10.59 16.73 -23.43
N GLY B 190 -11.15 16.50 -22.25
CA GLY B 190 -11.73 15.20 -21.95
C GLY B 190 -10.92 14.34 -21.00
N ILE B 191 -9.96 14.89 -20.26
CA ILE B 191 -9.19 14.07 -19.33
C ILE B 191 -10.13 13.39 -18.34
N MET B 192 -9.74 12.19 -17.92
CA MET B 192 -10.64 11.32 -17.16
C MET B 192 -9.80 10.40 -16.28
N ILE B 193 -10.48 9.58 -15.47
CA ILE B 193 -9.81 8.68 -14.53
C ILE B 193 -9.84 7.25 -15.05
N ASP B 194 -8.65 6.66 -15.21
CA ASP B 194 -8.49 5.25 -15.57
C ASP B 194 -8.93 4.42 -14.37
N ASP B 195 -9.99 3.64 -14.54
CA ASP B 195 -10.62 2.89 -13.45
C ASP B 195 -10.19 1.43 -13.40
N GLU B 196 -9.02 1.08 -13.97
CA GLU B 196 -8.60 -0.31 -13.97
C GLU B 196 -8.33 -0.85 -12.57
N TYR B 197 -8.12 0.01 -11.58
CA TYR B 197 -7.98 -0.45 -10.20
C TYR B 197 -9.21 -1.24 -9.76
N GLU B 198 -10.38 -0.99 -10.35
CA GLU B 198 -11.58 -1.76 -10.00
C GLU B 198 -11.43 -3.24 -10.28
N ASP B 199 -10.51 -3.60 -11.16
CA ASP B 199 -10.21 -4.98 -11.49
C ASP B 199 -8.94 -5.46 -10.79
N SER B 200 -8.55 -4.77 -9.73
CA SER B 200 -7.41 -5.14 -8.90
C SER B 200 -6.08 -4.94 -9.60
N ILE B 201 -6.06 -4.18 -10.70
CA ILE B 201 -4.84 -3.92 -11.43
C ILE B 201 -4.02 -2.85 -10.72
N VAL B 202 -2.72 -3.10 -10.69
CA VAL B 202 -1.71 -2.18 -10.14
C VAL B 202 -0.80 -1.76 -11.29
N GLY B 203 -0.55 -0.48 -11.42
CA GLY B 203 0.33 0.00 -12.46
C GLY B 203 -0.04 1.41 -12.87
N THR B 204 0.70 1.91 -13.82
CA THR B 204 0.55 3.31 -14.20
C THR B 204 -0.78 3.53 -14.91
N PRO B 205 -1.61 4.47 -14.48
CA PRO B 205 -2.86 4.70 -15.20
C PRO B 205 -2.58 5.40 -16.52
N GLN B 206 -3.36 5.06 -17.53
CA GLN B 206 -3.27 5.77 -18.80
C GLN B 206 -4.07 7.07 -18.73
N GLY B 207 -3.51 8.12 -19.27
CA GLY B 207 -4.19 9.39 -19.22
C GLY B 207 -4.43 9.98 -17.85
N GLY B 208 -3.65 9.61 -16.81
CA GLY B 208 -3.94 10.08 -15.45
C GLY B 208 -2.93 11.05 -14.84
N ASN B 209 -2.24 11.86 -15.65
CA ASN B 209 -1.28 12.73 -14.96
C ASN B 209 -1.93 13.86 -14.16
N LEU B 210 -3.07 14.34 -14.59
CA LEU B 210 -3.69 15.50 -13.93
C LEU B 210 -5.12 15.26 -13.47
N SER B 211 -5.91 14.51 -14.24
CA SER B 211 -7.32 14.34 -13.91
C SER B 211 -7.55 13.81 -12.50
N PRO B 212 -6.88 12.77 -12.03
CA PRO B 212 -7.18 12.30 -10.69
C PRO B 212 -6.93 13.35 -9.62
N LEU B 213 -5.89 14.16 -9.78
CA LEU B 213 -5.63 15.24 -8.84
C LEU B 213 -6.80 16.21 -8.82
N LEU B 214 -7.28 16.60 -9.99
CA LEU B 214 -8.40 17.52 -10.05
C LEU B 214 -9.63 16.95 -9.36
N ALA B 215 -9.90 15.67 -9.57
CA ALA B 215 -11.04 15.06 -8.89
C ALA B 215 -10.84 15.07 -7.37
N ASN B 216 -9.63 14.80 -6.92
CA ASN B 216 -9.33 14.86 -5.49
C ASN B 216 -9.51 16.26 -4.93
N ILE B 217 -9.22 17.31 -5.72
CA ILE B 217 -9.45 18.66 -5.21
C ILE B 217 -10.92 18.87 -4.88
N MET B 218 -11.80 18.48 -5.81
CA MET B 218 -13.23 18.66 -5.53
CA MET B 218 -13.23 18.66 -5.52
C MET B 218 -13.71 17.71 -4.44
N LEU B 219 -13.28 16.45 -4.49
CA LEU B 219 -13.79 15.47 -3.53
C LEU B 219 -13.22 15.66 -2.14
N ASN B 220 -12.13 16.41 -2.03
CA ASN B 220 -11.66 16.83 -0.73
C ASN B 220 -12.73 17.61 0.03
N GLU B 221 -13.62 18.32 -0.70
CA GLU B 221 -14.75 18.96 -0.04
C GLU B 221 -15.67 17.96 0.65
N LEU B 222 -15.89 16.82 0.01
CA LEU B 222 -16.63 15.73 0.64
C LEU B 222 -15.87 15.19 1.87
N ASP B 223 -14.56 15.00 1.75
CA ASP B 223 -13.79 14.52 2.89
C ASP B 223 -13.96 15.48 4.07
N LYS B 224 -13.92 16.77 3.81
CA LYS B 224 -14.08 17.73 4.90
C LYS B 224 -15.47 17.69 5.51
N GLU B 225 -16.53 17.48 4.71
CA GLU B 225 -17.87 17.33 5.25
C GLU B 225 -17.97 16.09 6.12
N MET B 226 -17.40 14.97 5.66
CA MET B 226 -17.43 13.75 6.46
C MET B 226 -16.66 13.93 7.76
N GLU B 227 -15.54 14.64 7.70
CA GLU B 227 -14.77 14.88 8.91
C GLU B 227 -15.55 15.78 9.86
N LYS B 228 -16.31 16.77 9.35
CA LYS B 228 -17.16 17.64 10.19
C LYS B 228 -18.30 16.89 10.84
N ARG B 229 -18.72 15.80 10.24
CA ARG B 229 -19.74 14.96 10.81
C ARG B 229 -19.16 13.85 11.71
N GLY B 230 -17.84 13.78 11.86
CA GLY B 230 -17.18 12.71 12.63
C GLY B 230 -17.31 11.32 12.06
N LEU B 231 -17.39 11.19 10.74
CA LEU B 231 -17.60 9.89 10.12
C LEU B 231 -16.28 9.15 9.89
N ASN B 232 -16.37 7.83 9.86
CA ASN B 232 -15.27 6.93 9.56
C ASN B 232 -15.39 6.56 8.08
N PHE B 233 -14.42 6.94 7.28
CA PHE B 233 -14.51 6.69 5.84
C PHE B 233 -13.14 6.43 5.26
N VAL B 234 -13.14 5.82 4.07
CA VAL B 234 -11.99 5.85 3.17
C VAL B 234 -12.49 6.25 1.80
N ARG B 235 -11.59 6.88 1.03
CA ARG B 235 -11.95 7.27 -0.33
C ARG B 235 -10.77 7.03 -1.25
N TYR B 236 -11.08 6.57 -2.46
CA TYR B 236 -10.09 6.37 -3.51
C TYR B 236 -10.69 6.99 -4.77
N ALA B 237 -10.23 8.18 -5.13
CA ALA B 237 -10.81 8.95 -6.26
C ALA B 237 -12.30 9.13 -5.95
N ASP B 238 -13.21 8.80 -6.86
CA ASP B 238 -14.62 9.02 -6.63
C ASP B 238 -15.33 7.83 -5.99
N ASP B 239 -14.56 6.94 -5.35
CA ASP B 239 -15.11 5.72 -4.75
C ASP B 239 -14.85 5.74 -3.24
N CYS B 240 -15.90 6.01 -2.48
CA CYS B 240 -15.85 6.13 -1.04
CA CYS B 240 -15.78 6.06 -1.04
C CYS B 240 -16.73 5.09 -0.38
N ILE B 241 -16.30 4.57 0.77
CA ILE B 241 -17.17 3.79 1.63
C ILE B 241 -17.07 4.39 3.02
N ILE B 242 -18.19 4.35 3.75
CA ILE B 242 -18.31 4.92 5.09
C ILE B 242 -18.72 3.81 6.04
N MET B 243 -18.04 3.70 7.17
CA MET B 243 -18.18 2.61 8.13
C MET B 243 -18.95 3.16 9.33
N VAL B 244 -20.12 2.58 9.61
CA VAL B 244 -21.02 3.05 10.64
CA VAL B 244 -21.03 3.05 10.66
C VAL B 244 -21.38 1.87 11.55
N GLY B 245 -21.92 2.20 12.73
CA GLY B 245 -22.17 1.18 13.73
C GLY B 245 -23.52 0.50 13.73
N SER B 246 -24.48 1.00 12.96
CA SER B 246 -25.83 0.47 12.97
C SER B 246 -26.49 0.75 11.63
N GLU B 247 -27.53 -0.04 11.35
CA GLU B 247 -28.30 0.16 10.14
C GLU B 247 -29.00 1.51 10.15
N MET B 248 -29.59 1.89 11.26
CA MET B 248 -30.30 3.16 11.33
CA MET B 248 -30.30 3.17 11.32
C MET B 248 -29.35 4.33 11.04
N SER B 249 -28.17 4.29 11.63
CA SER B 249 -27.21 5.35 11.38
CA SER B 249 -27.20 5.35 11.38
C SER B 249 -26.73 5.32 9.94
N ALA B 250 -26.49 4.12 9.39
CA ALA B 250 -26.05 4.03 8.01
C ALA B 250 -27.07 4.65 7.06
N ASN B 251 -28.35 4.41 7.30
CA ASN B 251 -29.36 4.97 6.42
C ASN B 251 -29.37 6.49 6.52
N ARG B 252 -29.20 7.03 7.73
CA ARG B 252 -29.12 8.48 7.88
C ARG B 252 -27.91 9.04 7.13
N VAL B 253 -26.76 8.41 7.32
CA VAL B 253 -25.55 8.85 6.63
C VAL B 253 -25.74 8.80 5.13
N MET B 254 -26.31 7.71 4.62
CA MET B 254 -26.54 7.59 3.20
CA MET B 254 -26.51 7.61 3.19
C MET B 254 -27.34 8.78 2.68
N ARG B 255 -28.41 9.12 3.39
CA ARG B 255 -29.26 10.21 2.97
C ARG B 255 -28.52 11.54 3.03
N ASN B 256 -27.84 11.80 4.15
CA ASN B 256 -27.21 13.10 4.35
C ASN B 256 -26.03 13.31 3.40
N ILE B 257 -25.20 12.30 3.22
CA ILE B 257 -24.04 12.47 2.38
C ILE B 257 -24.42 12.49 0.90
N SER B 258 -25.38 11.66 0.49
CA SER B 258 -25.84 11.72 -0.90
CA SER B 258 -25.82 11.72 -0.90
C SER B 258 -26.38 13.10 -1.23
N ARG B 259 -27.15 13.70 -0.30
CA ARG B 259 -27.67 15.04 -0.53
C ARG B 259 -26.54 16.07 -0.65
N PHE B 260 -25.54 15.97 0.21
CA PHE B 260 -24.40 16.87 0.13
C PHE B 260 -23.69 16.78 -1.23
N ILE B 261 -23.41 15.56 -1.68
CA ILE B 261 -22.71 15.38 -2.94
C ILE B 261 -23.46 16.01 -4.08
N GLU B 262 -24.78 15.81 -4.11
CA GLU B 262 -25.51 16.33 -5.26
C GLU B 262 -25.69 17.83 -5.17
N GLU B 263 -26.02 18.32 -3.98
CA GLU B 263 -26.36 19.73 -3.86
CA GLU B 263 -26.36 19.72 -3.81
C GLU B 263 -25.11 20.60 -3.78
N LYS B 264 -24.12 20.22 -2.97
CA LYS B 264 -22.97 21.08 -2.77
CA LYS B 264 -22.98 21.09 -2.79
C LYS B 264 -21.93 20.89 -3.87
N LEU B 265 -21.67 19.66 -4.27
CA LEU B 265 -20.66 19.44 -5.28
C LEU B 265 -21.21 19.36 -6.68
N GLY B 266 -22.52 19.22 -6.84
CA GLY B 266 -23.09 19.10 -8.16
C GLY B 266 -22.76 17.80 -8.85
N LEU B 267 -22.43 16.75 -8.10
CA LEU B 267 -22.18 15.45 -8.69
C LEU B 267 -23.48 14.67 -8.68
N LYS B 268 -23.46 13.47 -9.24
CA LYS B 268 -24.66 12.66 -9.36
C LYS B 268 -24.45 11.35 -8.63
N VAL B 269 -25.33 11.09 -7.66
CA VAL B 269 -25.34 9.81 -6.98
C VAL B 269 -26.27 8.88 -7.72
N ASN B 270 -25.79 7.67 -8.01
CA ASN B 270 -26.69 6.65 -8.54
C ASN B 270 -27.31 5.96 -7.34
N MET B 271 -28.56 6.31 -7.05
CA MET B 271 -29.19 5.78 -5.84
C MET B 271 -29.51 4.31 -5.97
N THR B 272 -29.67 3.81 -7.19
CA THR B 272 -29.95 2.39 -7.36
C THR B 272 -28.72 1.55 -7.03
N LYS B 273 -27.54 2.01 -7.45
CA LYS B 273 -26.31 1.27 -7.21
C LYS B 273 -25.72 1.52 -5.82
N SER B 274 -26.13 2.59 -5.16
CA SER B 274 -25.71 2.88 -3.81
C SER B 274 -26.48 1.99 -2.85
N LYS B 275 -25.83 1.59 -1.77
CA LYS B 275 -26.52 0.72 -0.83
C LYS B 275 -25.87 0.79 0.54
N VAL B 276 -26.64 0.33 1.51
CA VAL B 276 -26.16 0.01 2.84
C VAL B 276 -26.04 -1.50 2.92
N ASP B 277 -24.90 -2.02 3.36
CA ASP B 277 -24.76 -3.46 3.48
C ASP B 277 -23.73 -3.78 4.54
N ARG B 278 -23.60 -5.05 4.87
CA ARG B 278 -22.50 -5.52 5.71
C ARG B 278 -21.29 -5.79 4.82
N PRO B 279 -20.12 -6.02 5.42
CA PRO B 279 -18.90 -6.11 4.60
C PRO B 279 -18.95 -7.17 3.52
N ARG B 280 -19.57 -8.31 3.79
CA ARG B 280 -19.59 -9.38 2.80
C ARG B 280 -20.26 -8.95 1.49
N GLY B 281 -21.13 -7.96 1.54
CA GLY B 281 -21.80 -7.47 0.36
C GLY B 281 -21.06 -6.40 -0.41
N ILE B 282 -19.90 -5.94 0.04
CA ILE B 282 -19.22 -4.78 -0.52
C ILE B 282 -18.10 -5.27 -1.44
N LYS B 283 -18.03 -4.68 -2.63
CA LYS B 283 -16.90 -4.84 -3.53
C LYS B 283 -16.25 -3.47 -3.65
N TYR B 284 -14.96 -3.38 -3.35
CA TYR B 284 -14.31 -2.09 -3.25
C TYR B 284 -12.87 -2.21 -3.72
N LEU B 285 -12.53 -1.49 -4.78
CA LEU B 285 -11.15 -1.44 -5.27
C LEU B 285 -10.64 -2.81 -5.67
N GLY B 286 -11.53 -3.66 -6.17
CA GLY B 286 -11.19 -5.02 -6.57
C GLY B 286 -11.27 -6.03 -5.45
N PHE B 287 -11.49 -5.60 -4.21
CA PHE B 287 -11.53 -6.47 -3.05
C PHE B 287 -12.96 -6.78 -2.63
N GLY B 288 -13.13 -7.98 -2.10
CA GLY B 288 -14.27 -8.29 -1.28
C GLY B 288 -13.79 -8.52 0.14
N PHE B 289 -14.76 -8.68 1.01
CA PHE B 289 -14.53 -8.80 2.44
C PHE B 289 -15.12 -10.11 2.94
N TYR B 290 -14.48 -10.69 3.94
CA TYR B 290 -14.96 -11.90 4.56
C TYR B 290 -14.60 -11.87 6.03
N TYR B 291 -15.35 -12.63 6.82
CA TYR B 291 -15.06 -12.75 8.24
C TYR B 291 -14.20 -13.98 8.48
N ASP B 292 -12.99 -13.76 8.97
CA ASP B 292 -12.09 -14.85 9.30
C ASP B 292 -12.46 -15.32 10.70
N THR B 293 -13.02 -16.52 10.79
CA THR B 293 -13.55 -16.99 12.06
C THR B 293 -12.47 -17.47 13.01
N SER B 294 -11.25 -17.68 12.56
CA SER B 294 -10.15 -17.98 13.46
C SER B 294 -9.58 -16.70 14.08
N ALA B 295 -9.29 -15.72 13.24
CA ALA B 295 -8.80 -14.43 13.72
C ALA B 295 -9.88 -13.64 14.43
N GLN B 296 -11.15 -13.96 14.17
CA GLN B 296 -12.28 -13.18 14.65
C GLN B 296 -12.25 -11.74 14.13
N GLN B 297 -11.95 -11.61 12.85
CA GLN B 297 -11.66 -10.33 12.19
CA GLN B 297 -11.86 -10.31 12.24
C GLN B 297 -12.24 -10.39 10.77
N PHE B 298 -12.84 -9.30 10.30
CA PHE B 298 -12.99 -9.10 8.88
C PHE B 298 -11.61 -8.93 8.26
N LYS B 299 -11.45 -9.51 7.07
CA LYS B 299 -10.29 -9.40 6.21
C LYS B 299 -10.79 -9.19 4.79
N ALA B 300 -9.86 -8.94 3.88
CA ALA B 300 -10.20 -8.67 2.49
C ALA B 300 -9.31 -9.50 1.56
N LYS B 301 -9.83 -9.78 0.38
CA LYS B 301 -9.09 -10.48 -0.65
C LYS B 301 -9.72 -10.11 -2.00
N PRO B 302 -9.01 -10.33 -3.10
CA PRO B 302 -9.60 -9.96 -4.41
C PRO B 302 -10.91 -10.68 -4.61
N HIS B 303 -11.93 -9.95 -5.07
CA HIS B 303 -13.19 -10.61 -5.35
C HIS B 303 -13.14 -11.26 -6.73
N ALA B 304 -13.99 -12.26 -6.92
CA ALA B 304 -14.07 -12.92 -8.21
C ALA B 304 -14.38 -11.91 -9.30
N LYS B 305 -13.72 -12.06 -10.44
CA LYS B 305 -13.90 -11.17 -11.56
C LYS B 305 -14.47 -11.94 -12.75
P PO4 C . 19.70 -16.20 29.78
O1 PO4 C . 18.72 -15.54 28.86
O2 PO4 C . 21.01 -16.59 29.15
O3 PO4 C . 20.09 -15.28 30.94
O4 PO4 C . 19.15 -17.51 30.32
K K D . 11.45 -14.50 -3.81
N GLY E . -1.71 -4.11 36.07
CA GLY E . -0.75 -5.10 35.60
C GLY E . 0.08 -4.58 34.44
O GLY E . 0.11 -5.15 33.35
OXT GLY E . 0.73 -3.53 34.55
HA2 GLY E . -0.15 -5.34 36.32
HA3 GLY E . -1.22 -5.90 35.30
N GLY F . 3.52 -18.98 36.33
CA GLY F . 3.92 -17.62 36.61
C GLY F . 2.79 -16.67 36.29
O GLY F . 3.00 -15.68 35.58
OXT GLY F . 1.65 -16.84 36.75
HA2 GLY F . 4.15 -17.53 37.55
HA3 GLY F . 4.69 -17.39 36.08
C1 SIN G . 24.13 -10.51 30.40
O1 SIN G . 23.45 -9.64 29.84
O2 SIN G . 24.35 -10.41 31.62
C2 SIN G . 24.68 -11.69 29.64
C3 SIN G . 23.56 -12.70 29.54
C4 SIN G . 23.86 -13.84 28.61
O3 SIN G . 24.70 -13.68 27.70
O4 SIN G . 23.26 -14.93 28.75
H21 SIN G . 24.99 -11.38 28.63
H22 SIN G . 25.53 -12.11 30.16
H31 SIN G . 23.36 -13.10 30.53
H32 SIN G . 22.66 -12.20 29.20
C1 MPD H . -13.94 -18.65 6.01
C2 MPD H . -12.58 -19.11 5.57
O2 MPD H . -12.74 -20.15 4.57
CM MPD H . -11.77 -17.98 4.95
C3 MPD H . -11.86 -19.68 6.79
C4 MPD H . -11.59 -18.68 7.93
O4 MPD H . -12.79 -18.05 8.33
C5 MPD H . -10.96 -19.30 9.16
H11 MPD H . -14.07 -18.84 7.07
H12 MPD H . -14.70 -19.20 5.44
H13 MPD H . -14.05 -17.58 5.81
HO2 MPD H . -12.34 -20.98 4.88
HM1 MPD H . -10.86 -17.83 5.53
HM2 MPD H . -11.52 -18.23 3.93
HM3 MPD H . -12.36 -17.06 4.97
H31 MPD H . -12.44 -20.50 7.18
H32 MPD H . -10.91 -20.09 6.46
H4 MPD H . -10.91 -17.91 7.55
HO4 MPD H . -12.95 -17.26 7.78
H51 MPD H . -11.58 -19.10 10.03
H52 MPD H . -10.85 -20.38 9.02
H53 MPD H . -9.97 -18.86 9.32
P PO4 I . -8.87 31.92 -20.94
O1 PO4 I . -9.54 31.56 -22.25
O2 PO4 I . -8.00 33.16 -21.05
O3 PO4 I . -9.91 32.14 -19.89
O4 PO4 I . -8.02 30.74 -20.57
K K J . -18.53 3.57 -3.26
N GLY K . 2.37 14.36 -10.16
CA GLY K . 2.95 13.19 -9.54
C GLY K . 4.14 12.58 -10.27
O GLY K . 4.02 11.64 -11.04
OXT GLY K . 5.29 13.00 -10.10
HA2 GLY K . 3.24 13.42 -8.64
HA3 GLY K . 2.27 12.50 -9.46
#